data_2D7V
#
_entry.id   2D7V
#
_cell.length_a   148.507
_cell.length_b   40.023
_cell.length_c   56.231
_cell.angle_alpha   90.00
_cell.angle_beta   108.89
_cell.angle_gamma   90.00
#
_symmetry.space_group_name_H-M   'C 1 2 1'
#
loop_
_entity.id
_entity.type
_entity.pdbx_description
1 polymer 'Hypothetical protein VCA0330'
2 water water
#
_entity_poly.entity_id   1
_entity_poly.type   'polypeptide(L)'
_entity_poly.pdbx_seq_one_letter_code
;(MSE)SFGGKS(MSE)SEHSAIVTWKRKDSEAFTDNQYSRAHTWEFDGGSKILASASPHVVPVPLSVEANVDPEEAFVAA
LSSCH(MSE)LVFLSIAAKQRYLVESYTDNAVGILGKNSKGKTSVTKVVLRPQVVFSGTSKPTLQQLEK(MSE)HHLAHE
NCFIANSVETEVVTEIIA
;
_entity_poly.pdbx_strand_id   A,B
#
# COMPACT_ATOMS: atom_id res chain seq x y z
N SER A 7 -13.12 -6.77 -13.66
CA SER A 7 -14.43 -6.66 -12.96
C SER A 7 -14.24 -6.25 -11.47
N MSE A 8 -15.30 -6.30 -10.67
CA MSE A 8 -15.26 -5.94 -9.27
C MSE A 8 -14.64 -7.05 -8.41
O MSE A 8 -14.81 -8.27 -8.70
CB MSE A 8 -16.66 -5.64 -8.74
CG MSE A 8 -17.36 -4.49 -9.41
SE MSE A 8 -18.99 -4.35 -8.68
CE MSE A 8 -18.62 -3.70 -7.05
N SER A 9 -13.96 -6.65 -7.35
CA SER A 9 -13.34 -7.63 -6.45
C SER A 9 -13.16 -7.00 -5.07
N GLU A 10 -13.17 -7.83 -4.04
CA GLU A 10 -12.85 -7.30 -2.69
C GLU A 10 -11.54 -7.85 -2.17
N HIS A 11 -10.89 -7.05 -1.34
CA HIS A 11 -9.53 -7.34 -0.93
C HIS A 11 -9.47 -7.01 0.52
N SER A 12 -9.01 -7.96 1.31
CA SER A 12 -9.03 -7.74 2.75
C SER A 12 -7.61 -7.76 3.34
N ALA A 13 -7.46 -7.08 4.47
CA ALA A 13 -6.21 -7.12 5.22
C ALA A 13 -6.61 -7.13 6.68
N ILE A 14 -5.95 -7.97 7.48
CA ILE A 14 -6.12 -7.91 8.95
C ILE A 14 -4.87 -7.23 9.53
N VAL A 15 -5.09 -6.11 10.22
CA VAL A 15 -4.02 -5.33 10.82
C VAL A 15 -4.17 -5.44 12.34
N THR A 16 -3.13 -5.90 13.01
CA THR A 16 -3.15 -6.21 14.43
C THR A 16 -1.92 -5.66 15.18
N TRP A 17 -2.22 -5.01 16.30
CA TRP A 17 -1.18 -4.54 17.19
C TRP A 17 -1.59 -5.07 18.57
N LYS A 18 -0.58 -5.52 19.32
CA LYS A 18 -0.73 -5.96 20.71
C LYS A 18 0.31 -5.33 21.62
N ARG A 19 -0.14 -4.81 22.76
CA ARG A 19 0.77 -4.26 23.76
C ARG A 19 1.77 -5.33 24.23
N LYS A 20 3.06 -5.00 24.27
CA LYS A 20 4.02 -5.96 24.85
C LYS A 20 3.91 -5.92 26.39
N ASP A 21 4.28 -7.01 27.04
CA ASP A 21 4.11 -7.12 28.49
C ASP A 21 4.79 -5.97 29.25
N SER A 22 5.95 -5.56 28.75
CA SER A 22 6.78 -4.52 29.38
C SER A 22 6.34 -3.11 29.08
N GLU A 23 5.23 -2.94 28.36
CA GLU A 23 4.89 -1.62 27.85
C GLU A 23 3.88 -0.86 28.70
N ALA A 24 4.32 0.30 29.19
CA ALA A 24 3.50 1.23 29.93
C ALA A 24 2.42 1.80 29.04
N PHE A 25 2.79 2.06 27.77
CA PHE A 25 1.91 2.58 26.71
C PHE A 25 1.62 4.08 26.80
N THR A 26 1.09 4.51 27.95
CA THR A 26 0.67 5.92 28.14
C THR A 26 1.84 6.90 28.17
N ASP A 27 3.08 6.40 28.22
CA ASP A 27 4.25 7.28 28.05
C ASP A 27 4.63 7.52 26.58
N ASN A 28 3.81 7.04 25.63
CA ASN A 28 4.08 7.11 24.17
C ASN A 28 5.37 6.42 23.68
N GLN A 29 5.95 5.56 24.49
CA GLN A 29 7.21 4.89 24.15
C GLN A 29 7.03 3.41 23.79
N TYR A 30 5.83 3.05 23.38
CA TYR A 30 5.52 1.70 22.94
C TYR A 30 6.10 1.46 21.54
N SER A 31 6.37 0.20 21.23
CA SER A 31 6.80 -0.21 19.90
C SER A 31 5.63 -0.04 18.93
N ARG A 32 5.93 0.55 17.78
CA ARG A 32 4.98 0.69 16.69
C ARG A 32 4.92 -0.53 15.72
N ALA A 33 5.68 -1.59 16.06
CA ALA A 33 5.63 -2.86 15.33
C ALA A 33 4.27 -3.51 15.45
N HIS A 34 3.84 -4.09 14.33
CA HIS A 34 2.57 -4.76 14.27
C HIS A 34 2.54 -5.64 13.00
N THR A 35 1.42 -6.32 12.74
CA THR A 35 1.36 -7.28 11.64
C THR A 35 0.25 -6.95 10.66
N TRP A 36 0.51 -7.21 9.37
CA TRP A 36 -0.50 -7.17 8.32
C TRP A 36 -0.69 -8.61 7.86
N GLU A 37 -1.93 -9.10 7.87
CA GLU A 37 -2.23 -10.47 7.42
C GLU A 37 -3.23 -10.48 6.26
N PHE A 38 -2.91 -11.26 5.24
CA PHE A 38 -3.69 -11.25 4.01
C PHE A 38 -4.28 -12.61 3.77
N ASP A 39 -5.29 -12.65 2.91
CA ASP A 39 -6.00 -13.87 2.57
C ASP A 39 -5.12 -15.08 2.22
N GLY A 40 -4.19 -14.92 1.29
CA GLY A 40 -3.34 -16.03 0.85
C GLY A 40 -2.41 -16.59 1.92
N GLY A 41 -2.48 -16.04 3.13
CA GLY A 41 -1.74 -16.60 4.28
C GLY A 41 -0.51 -15.82 4.76
N SER A 42 0.04 -14.98 3.87
CA SER A 42 1.20 -14.19 4.21
C SER A 42 0.91 -13.21 5.35
N LYS A 43 1.91 -13.06 6.23
CA LYS A 43 1.89 -12.08 7.31
C LYS A 43 3.09 -11.18 7.16
N ILE A 44 2.90 -9.88 7.23
CA ILE A 44 4.04 -8.99 7.05
C ILE A 44 4.25 -8.23 8.37
N LEU A 45 5.50 -8.11 8.83
CA LEU A 45 5.82 -7.27 9.98
C LEU A 45 5.85 -5.82 9.51
N ALA A 46 5.04 -4.97 10.13
CA ALA A 46 4.89 -3.57 9.73
C ALA A 46 5.34 -2.64 10.85
N SER A 47 5.41 -1.35 10.55
CA SER A 47 5.71 -0.36 11.55
C SER A 47 5.19 0.99 11.07
N ALA A 48 5.24 1.99 11.95
CA ALA A 48 5.11 3.38 11.54
C ALA A 48 6.37 3.76 10.76
N SER A 49 6.27 4.79 9.91
CA SER A 49 7.41 5.27 9.15
C SER A 49 8.39 5.94 10.12
N PRO A 50 9.69 5.68 9.94
CA PRO A 50 10.66 6.41 10.75
C PRO A 50 10.78 7.89 10.39
N HIS A 51 10.10 8.37 9.36
CA HIS A 51 10.04 9.83 9.13
C HIS A 51 9.03 10.50 10.04
N VAL A 52 8.14 9.69 10.61
CA VAL A 52 7.05 10.24 11.44
C VAL A 52 7.17 9.87 12.91
N VAL A 53 7.81 8.77 13.20
CA VAL A 53 7.94 8.33 14.57
C VAL A 53 9.39 7.89 14.68
N PRO A 54 10.15 8.43 15.65
CA PRO A 54 11.60 8.10 15.65
C PRO A 54 11.91 6.63 15.93
N VAL A 55 12.95 6.12 15.28
CA VAL A 55 13.56 4.87 15.65
C VAL A 55 14.17 5.14 17.06
N PRO A 56 14.16 4.14 17.98
CA PRO A 56 13.68 2.76 17.85
C PRO A 56 12.21 2.45 18.16
N LEU A 57 11.35 3.46 18.35
CA LEU A 57 9.90 3.19 18.47
C LEU A 57 9.31 2.64 17.15
N SER A 58 9.67 3.27 16.03
CA SER A 58 9.45 2.68 14.70
C SER A 58 10.59 1.68 14.45
N VAL A 59 10.33 0.66 13.61
CA VAL A 59 11.32 -0.38 13.30
C VAL A 59 11.63 -0.25 11.81
N GLU A 60 12.88 0.07 11.49
CA GLU A 60 13.30 0.45 10.13
C GLU A 60 13.18 -0.71 9.14
N ALA A 61 13.54 -1.89 9.58
CA ALA A 61 13.39 -3.13 8.80
C ALA A 61 11.95 -3.55 8.48
N ASN A 62 10.95 -2.90 9.05
CA ASN A 62 9.58 -3.34 8.83
C ASN A 62 8.90 -2.42 7.81
N VAL A 63 7.88 -2.91 7.11
CA VAL A 63 7.21 -2.07 6.09
C VAL A 63 6.35 -0.97 6.76
N ASP A 64 6.30 0.23 6.19
CA ASP A 64 5.38 1.23 6.76
C ASP A 64 4.24 1.61 5.79
N PRO A 65 3.17 2.23 6.29
CA PRO A 65 2.09 2.59 5.37
C PRO A 65 2.52 3.48 4.15
N GLU A 66 3.37 4.46 4.34
CA GLU A 66 3.78 5.35 3.25
C GLU A 66 4.55 4.57 2.17
N GLU A 67 5.49 3.72 2.61
CA GLU A 67 6.27 2.90 1.69
C GLU A 67 5.38 1.94 0.93
N ALA A 68 4.44 1.31 1.63
CA ALA A 68 3.50 0.36 1.00
C ALA A 68 2.64 1.08 -0.07
N PHE A 69 2.20 2.29 0.25
CA PHE A 69 1.41 3.12 -0.65
C PHE A 69 2.20 3.37 -1.94
N VAL A 70 3.48 3.74 -1.82
CA VAL A 70 4.32 4.01 -3.00
C VAL A 70 4.54 2.72 -3.80
N ALA A 71 4.87 1.63 -3.09
CA ALA A 71 5.08 0.33 -3.73
C ALA A 71 3.81 -0.12 -4.47
N ALA A 72 2.64 0.08 -3.88
CA ALA A 72 1.39 -0.35 -4.54
C ALA A 72 1.17 0.40 -5.83
N LEU A 73 1.36 1.72 -5.81
CA LEU A 73 1.19 2.52 -7.02
C LEU A 73 2.18 2.08 -8.10
N SER A 74 3.43 1.85 -7.70
CA SER A 74 4.49 1.48 -8.65
C SER A 74 4.23 0.08 -9.23
N SER A 75 3.87 -0.88 -8.37
CA SER A 75 3.55 -2.23 -8.76
C SER A 75 2.32 -2.31 -9.68
N CYS A 76 1.28 -1.54 -9.35
CA CYS A 76 0.07 -1.53 -10.16
C CYS A 76 0.33 -1.04 -11.59
N HIS A 77 1.08 0.05 -11.69
CA HIS A 77 1.50 0.61 -12.97
C HIS A 77 2.34 -0.39 -13.74
N MSE A 78 3.28 -1.01 -13.06
CA MSE A 78 4.12 -2.04 -13.68
C MSE A 78 3.30 -3.16 -14.26
O MSE A 78 3.51 -3.57 -15.40
CB MSE A 78 5.12 -2.62 -12.67
CG MSE A 78 5.99 -3.70 -13.28
SE MSE A 78 7.14 -4.41 -12.10
CE MSE A 78 6.02 -5.59 -11.44
N LEU A 79 2.36 -3.68 -13.49
CA LEU A 79 1.57 -4.79 -13.96
C LEU A 79 0.78 -4.44 -15.22
N VAL A 80 0.23 -3.23 -15.27
CA VAL A 80 -0.49 -2.81 -16.46
C VAL A 80 0.46 -2.72 -17.68
N PHE A 81 1.55 -1.98 -17.54
CA PHE A 81 2.60 -1.94 -18.55
C PHE A 81 3.03 -3.29 -19.10
N LEU A 82 3.37 -4.23 -18.20
CA LEU A 82 3.85 -5.53 -18.63
C LEU A 82 2.80 -6.23 -19.49
N SER A 83 1.53 -6.17 -19.10
CA SER A 83 0.50 -6.79 -19.95
C SER A 83 0.38 -6.11 -21.34
N ILE A 84 0.54 -4.80 -21.40
CA ILE A 84 0.53 -4.08 -22.68
C ILE A 84 1.74 -4.51 -23.53
N ALA A 85 2.90 -4.64 -22.90
CA ALA A 85 4.08 -4.99 -23.64
C ALA A 85 3.97 -6.43 -24.17
N ALA A 86 3.40 -7.34 -23.38
CA ALA A 86 3.24 -8.70 -23.87
C ALA A 86 2.31 -8.70 -25.11
N LYS A 87 1.22 -7.95 -25.04
CA LYS A 87 0.24 -7.91 -26.12
C LYS A 87 0.80 -7.32 -27.43
N GLN A 88 1.69 -6.34 -27.32
CA GLN A 88 2.45 -5.82 -28.47
C GLN A 88 3.61 -6.72 -28.91
N ARG A 89 3.71 -7.89 -28.28
CA ARG A 89 4.76 -8.88 -28.56
C ARG A 89 6.19 -8.31 -28.39
N TYR A 90 6.38 -7.45 -27.39
CA TYR A 90 7.70 -7.04 -27.01
C TYR A 90 8.18 -7.91 -25.86
N LEU A 91 9.40 -8.41 -25.99
CA LEU A 91 9.95 -9.28 -24.97
C LEU A 91 10.61 -8.41 -23.88
N VAL A 92 10.04 -8.43 -22.67
CA VAL A 92 10.63 -7.70 -21.52
C VAL A 92 11.57 -8.62 -20.77
N GLU A 93 12.81 -8.21 -20.57
CA GLU A 93 13.73 -8.96 -19.69
C GLU A 93 13.58 -8.60 -18.22
N SER A 94 13.41 -7.32 -17.96
CA SER A 94 13.27 -6.88 -16.58
C SER A 94 12.56 -5.51 -16.56
N TYR A 95 11.99 -5.21 -15.38
CA TYR A 95 11.36 -3.94 -15.14
C TYR A 95 11.75 -3.58 -13.71
N THR A 96 12.38 -2.42 -13.54
CA THR A 96 12.82 -1.99 -12.23
C THR A 96 12.39 -0.54 -12.06
N ASP A 97 11.67 -0.26 -11.00
CA ASP A 97 11.18 1.09 -10.76
C ASP A 97 11.74 1.56 -9.42
N ASN A 98 12.48 2.67 -9.41
CA ASN A 98 12.91 3.28 -8.15
C ASN A 98 11.93 4.40 -7.84
N ALA A 99 10.85 4.04 -7.14
CA ALA A 99 9.76 4.97 -6.90
C ALA A 99 9.98 5.79 -5.64
N VAL A 100 9.50 7.04 -5.62
CA VAL A 100 9.67 7.89 -4.44
C VAL A 100 8.37 8.66 -4.13
N GLY A 101 7.89 8.56 -2.88
CA GLY A 101 6.75 9.35 -2.44
C GLY A 101 7.18 10.48 -1.50
N ILE A 102 6.46 11.59 -1.60
CA ILE A 102 6.71 12.82 -0.85
C ILE A 102 5.53 13.10 0.11
N LEU A 103 5.82 13.24 1.41
CA LEU A 103 4.85 13.79 2.38
C LEU A 103 4.94 15.30 2.36
N GLY A 104 3.78 15.97 2.36
CA GLY A 104 3.69 17.41 2.37
C GLY A 104 2.25 17.78 2.66
N LYS A 105 1.96 19.08 2.68
CA LYS A 105 0.58 19.55 2.89
C LYS A 105 -0.16 19.53 1.58
N ASN A 106 -1.33 18.91 1.56
CA ASN A 106 -2.24 18.97 0.40
C ASN A 106 -2.96 20.35 0.31
N SER A 107 -3.88 20.50 -0.62
CA SER A 107 -4.56 21.80 -0.84
C SER A 107 -5.41 22.20 0.37
N LYS A 108 -5.82 21.21 1.15
CA LYS A 108 -6.70 21.42 2.30
C LYS A 108 -5.89 21.63 3.54
N GLY A 109 -4.56 21.59 3.37
CA GLY A 109 -3.62 21.91 4.43
C GLY A 109 -3.33 20.74 5.33
N LYS A 110 -3.71 19.54 4.87
CA LYS A 110 -3.51 18.30 5.63
C LYS A 110 -2.25 17.53 5.16
N THR A 111 -1.53 16.92 6.09
CA THR A 111 -0.35 16.15 5.67
C THR A 111 -0.80 14.91 4.89
N SER A 112 -0.24 14.74 3.70
CA SER A 112 -0.60 13.61 2.84
C SER A 112 0.57 13.25 1.91
N VAL A 113 0.41 12.16 1.16
CA VAL A 113 1.35 11.84 0.10
C VAL A 113 0.93 12.70 -1.12
N THR A 114 1.64 13.80 -1.33
CA THR A 114 1.19 14.78 -2.29
C THR A 114 1.73 14.43 -3.66
N LYS A 115 2.87 13.74 -3.69
CA LYS A 115 3.53 13.40 -4.94
C LYS A 115 4.19 12.05 -4.92
N VAL A 116 4.04 11.29 -6.00
CA VAL A 116 4.85 10.10 -6.21
C VAL A 116 5.54 10.15 -7.59
N VAL A 117 6.85 9.95 -7.60
CA VAL A 117 7.57 9.87 -8.87
C VAL A 117 7.93 8.43 -9.14
N LEU A 118 7.42 7.88 -10.24
CA LEU A 118 7.81 6.55 -10.71
C LEU A 118 8.94 6.73 -11.73
N ARG A 119 10.02 5.98 -11.57
CA ARG A 119 11.14 6.04 -12.50
C ARG A 119 11.46 4.64 -13.03
N PRO A 120 10.59 4.13 -13.91
CA PRO A 120 10.76 2.78 -14.43
C PRO A 120 11.88 2.65 -15.47
N GLN A 121 12.71 1.63 -15.29
CA GLN A 121 13.69 1.23 -16.31
C GLN A 121 13.40 -0.17 -16.82
N VAL A 122 13.14 -0.27 -18.12
CA VAL A 122 12.72 -1.52 -18.71
C VAL A 122 13.81 -1.98 -19.68
N VAL A 123 14.18 -3.26 -19.60
CA VAL A 123 15.14 -3.85 -20.52
C VAL A 123 14.32 -4.76 -21.45
N PHE A 124 14.42 -4.49 -22.74
CA PHE A 124 13.78 -5.31 -23.77
C PHE A 124 14.80 -6.22 -24.43
N SER A 125 14.37 -7.37 -24.92
CA SER A 125 15.27 -8.19 -25.77
C SER A 125 14.54 -8.72 -26.99
N GLY A 126 15.22 -9.59 -27.72
CA GLY A 126 14.61 -10.18 -28.90
C GLY A 126 14.57 -9.19 -30.04
N THR A 127 13.87 -9.58 -31.11
CA THR A 127 14.09 -8.95 -32.39
C THR A 127 13.05 -7.87 -32.67
N SER A 128 12.08 -7.73 -31.78
CA SER A 128 11.15 -6.64 -31.85
C SER A 128 11.19 -5.80 -30.57
N LYS A 129 11.95 -4.70 -30.62
CA LYS A 129 12.08 -3.78 -29.51
C LYS A 129 11.35 -2.48 -29.86
N PRO A 130 10.64 -1.87 -28.88
CA PRO A 130 9.93 -0.63 -29.21
C PRO A 130 10.87 0.58 -29.24
N THR A 131 10.40 1.66 -29.85
CA THR A 131 11.17 2.91 -29.89
C THR A 131 10.87 3.70 -28.63
N LEU A 132 11.69 4.71 -28.36
CA LEU A 132 11.35 5.72 -27.36
C LEU A 132 9.88 6.15 -27.44
N GLN A 133 9.39 6.55 -28.61
CA GLN A 133 7.98 6.99 -28.72
C GLN A 133 6.96 5.93 -28.28
N GLN A 134 7.25 4.68 -28.61
CA GLN A 134 6.33 3.59 -28.29
C GLN A 134 6.35 3.31 -26.79
N LEU A 135 7.54 3.23 -26.21
CA LEU A 135 7.70 3.08 -24.77
C LEU A 135 6.87 4.13 -24.02
N GLU A 136 7.07 5.40 -24.40
CA GLU A 136 6.31 6.50 -23.79
C GLU A 136 4.78 6.28 -23.82
N LYS A 137 4.25 5.81 -24.93
CA LYS A 137 2.80 5.57 -25.01
C LYS A 137 2.34 4.37 -24.17
N MSE A 138 3.24 3.39 -24.01
CA MSE A 138 2.90 2.23 -23.20
C MSE A 138 2.77 2.66 -21.74
O MSE A 138 1.86 2.20 -21.05
CB MSE A 138 3.94 1.11 -23.40
CG MSE A 138 3.77 0.38 -24.75
SE MSE A 138 4.67 -1.18 -24.92
CE MSE A 138 4.94 -1.57 -23.21
N HIS A 139 3.66 3.57 -21.29
CA HIS A 139 3.60 4.13 -19.93
C HIS A 139 2.40 5.03 -19.71
N HIS A 140 2.01 5.81 -20.71
CA HIS A 140 0.79 6.59 -20.58
C HIS A 140 -0.45 5.72 -20.47
N LEU A 141 -0.54 4.68 -21.31
CA LEU A 141 -1.68 3.76 -21.18
C LEU A 141 -1.72 3.08 -19.80
N ALA A 142 -0.55 2.65 -19.34
CA ALA A 142 -0.39 2.03 -18.00
C ALA A 142 -0.86 2.95 -16.86
N HIS A 143 -0.50 4.23 -16.90
CA HIS A 143 -0.95 5.16 -15.88
C HIS A 143 -2.46 5.39 -15.91
N GLU A 144 -3.04 5.42 -17.12
CA GLU A 144 -4.47 5.66 -17.31
C GLU A 144 -5.29 4.51 -16.79
N ASN A 145 -4.75 3.31 -16.89
CA ASN A 145 -5.47 2.09 -16.51
C ASN A 145 -4.98 1.49 -15.17
N CYS A 146 -4.25 2.28 -14.42
CA CYS A 146 -3.76 1.86 -13.13
C CYS A 146 -4.86 2.05 -12.06
N PHE A 147 -5.37 0.95 -11.49
CA PHE A 147 -6.44 1.02 -10.46
C PHE A 147 -6.07 1.89 -9.27
N ILE A 148 -4.82 1.78 -8.85
CA ILE A 148 -4.33 2.56 -7.72
C ILE A 148 -4.21 4.04 -8.04
N ALA A 149 -3.61 4.39 -9.19
CA ALA A 149 -3.50 5.79 -9.57
C ALA A 149 -4.89 6.41 -9.64
N ASN A 150 -5.85 5.63 -10.07
CA ASN A 150 -7.20 6.10 -10.21
C ASN A 150 -7.93 6.27 -8.88
N SER A 151 -7.32 5.82 -7.78
CA SER A 151 -7.97 5.92 -6.48
C SER A 151 -7.40 7.05 -5.62
N VAL A 152 -6.38 7.77 -6.09
CA VAL A 152 -5.65 8.68 -5.20
C VAL A 152 -5.66 10.09 -5.67
N GLU A 153 -5.39 10.99 -4.72
CA GLU A 153 -5.32 12.44 -4.96
C GLU A 153 -3.89 12.85 -5.30
N THR A 154 -2.95 12.03 -4.83
CA THR A 154 -1.54 12.16 -5.09
C THR A 154 -1.33 12.44 -6.57
N GLU A 155 -0.51 13.45 -6.84
CA GLU A 155 0.02 13.65 -8.18
C GLU A 155 1.02 12.52 -8.49
N VAL A 156 0.72 11.72 -9.51
CA VAL A 156 1.60 10.62 -9.89
C VAL A 156 2.29 10.95 -11.21
N VAL A 157 3.60 11.08 -11.15
CA VAL A 157 4.38 11.39 -12.36
C VAL A 157 5.29 10.19 -12.72
N THR A 158 5.40 9.88 -14.02
CA THR A 158 6.33 8.86 -14.50
C THR A 158 7.52 9.58 -15.18
N GLU A 159 8.74 9.30 -14.72
CA GLU A 159 9.95 9.74 -15.43
C GLU A 159 10.55 8.47 -16.01
N ILE A 160 10.43 8.32 -17.32
CA ILE A 160 10.85 7.09 -17.94
C ILE A 160 12.39 7.11 -18.03
N ILE A 161 13.04 6.09 -17.49
CA ILE A 161 14.48 6.06 -17.46
C ILE A 161 15.03 5.20 -18.60
N MSE B 8 8.39 17.70 2.90
CA MSE B 8 8.78 17.16 4.30
C MSE B 8 9.46 15.81 4.47
O MSE B 8 10.42 15.75 5.24
CB MSE B 8 7.80 17.54 5.44
CG MSE B 8 6.39 16.93 5.48
SE MSE B 8 5.26 18.36 5.38
CE MSE B 8 3.89 17.86 6.39
N SER B 9 9.02 14.75 3.81
CA SER B 9 9.82 13.52 3.82
C SER B 9 9.63 12.74 2.54
N GLU B 10 10.59 11.83 2.30
CA GLU B 10 10.67 11.01 1.10
C GLU B 10 10.62 9.52 1.44
N HIS B 11 9.75 8.80 0.77
CA HIS B 11 9.54 7.38 1.02
C HIS B 11 9.76 6.57 -0.24
N SER B 12 10.71 5.65 -0.17
CA SER B 12 11.20 4.95 -1.35
C SER B 12 10.76 3.51 -1.45
N ALA B 13 10.52 3.05 -2.67
CA ALA B 13 10.23 1.63 -2.92
C ALA B 13 10.94 1.23 -4.22
N ILE B 14 11.59 0.07 -4.21
CA ILE B 14 12.14 -0.48 -5.47
C ILE B 14 11.31 -1.70 -5.82
N VAL B 15 10.64 -1.62 -6.97
CA VAL B 15 9.74 -2.66 -7.44
C VAL B 15 10.41 -3.27 -8.68
N THR B 16 10.63 -4.59 -8.64
CA THR B 16 11.40 -5.26 -9.66
C THR B 16 10.74 -6.52 -10.17
N TRP B 17 10.66 -6.66 -11.48
CA TRP B 17 10.21 -7.89 -12.11
C TRP B 17 11.30 -8.34 -13.07
N LYS B 18 11.63 -9.63 -13.01
CA LYS B 18 12.53 -10.26 -13.97
C LYS B 18 11.84 -11.44 -14.67
N ARG B 19 12.01 -11.49 -15.99
CA ARG B 19 11.46 -12.61 -16.77
C ARG B 19 12.18 -13.86 -16.32
N LYS B 20 11.44 -14.94 -16.12
CA LYS B 20 12.09 -16.18 -15.73
C LYS B 20 12.80 -16.86 -16.91
N ASP B 21 13.82 -17.66 -16.65
CA ASP B 21 14.39 -18.51 -17.70
C ASP B 21 13.34 -19.26 -18.47
N SER B 22 13.47 -19.24 -19.80
CA SER B 22 12.58 -20.01 -20.64
C SER B 22 11.11 -19.54 -20.68
N GLU B 23 10.82 -18.43 -20.01
CA GLU B 23 9.48 -17.87 -19.98
C GLU B 23 9.21 -17.05 -21.26
N ALA B 24 8.25 -17.48 -22.08
CA ALA B 24 8.05 -16.85 -23.41
C ALA B 24 7.53 -15.40 -23.37
N PHE B 25 6.71 -15.09 -22.34
CA PHE B 25 6.23 -13.74 -22.02
C PHE B 25 5.17 -13.22 -23.00
N THR B 26 5.58 -13.13 -24.26
CA THR B 26 4.71 -12.62 -25.32
C THR B 26 3.44 -13.43 -25.52
N ASP B 27 3.36 -14.62 -24.94
CA ASP B 27 2.09 -15.37 -24.90
C ASP B 27 1.14 -14.91 -23.79
N ASN B 28 1.55 -13.89 -23.04
CA ASN B 28 0.79 -13.40 -21.88
C ASN B 28 0.66 -14.38 -20.67
N GLN B 29 1.40 -15.49 -20.69
CA GLN B 29 1.29 -16.49 -19.63
C GLN B 29 2.39 -16.32 -18.55
N TYR B 30 2.99 -15.13 -18.44
CA TYR B 30 4.19 -15.00 -17.60
C TYR B 30 3.79 -14.96 -16.12
N SER B 31 4.69 -15.29 -15.21
CA SER B 31 4.36 -15.19 -13.80
C SER B 31 4.40 -13.71 -13.41
N ARG B 32 3.40 -13.27 -12.65
CA ARG B 32 3.27 -11.88 -12.20
C ARG B 32 3.99 -11.68 -10.88
N ALA B 33 4.68 -12.71 -10.40
CA ALA B 33 5.41 -12.58 -9.16
C ALA B 33 6.57 -11.62 -9.34
N HIS B 34 6.81 -10.81 -8.31
CA HIS B 34 7.87 -9.85 -8.38
C HIS B 34 8.29 -9.48 -6.94
N THR B 35 9.13 -8.47 -6.79
CA THR B 35 9.59 -8.11 -5.46
C THR B 35 9.42 -6.60 -5.18
N TRP B 36 9.16 -6.25 -3.91
CA TRP B 36 9.23 -4.85 -3.40
C TRP B 36 10.38 -4.75 -2.37
N GLU B 37 11.24 -3.75 -2.48
CA GLU B 37 12.35 -3.59 -1.52
C GLU B 37 12.30 -2.17 -0.99
N PHE B 38 12.56 -2.04 0.31
CA PHE B 38 12.46 -0.78 0.99
C PHE B 38 13.83 -0.50 1.59
N ASP B 39 14.11 0.78 1.85
CA ASP B 39 15.39 1.27 2.39
C ASP B 39 15.93 0.50 3.58
N GLY B 40 15.04 0.16 4.51
CA GLY B 40 15.43 -0.51 5.77
C GLY B 40 15.76 -2.00 5.63
N GLY B 41 15.62 -2.52 4.41
CA GLY B 41 16.02 -3.89 4.08
C GLY B 41 14.89 -4.89 3.88
N SER B 42 13.67 -4.54 4.24
CA SER B 42 12.56 -5.42 3.96
C SER B 42 12.46 -5.65 2.44
N LYS B 43 12.33 -6.93 2.07
CA LYS B 43 11.86 -7.35 0.75
C LYS B 43 10.56 -8.03 0.98
N ILE B 44 9.62 -7.78 0.09
CA ILE B 44 8.32 -8.39 0.16
C ILE B 44 8.16 -9.01 -1.21
N LEU B 45 7.66 -10.25 -1.22
CA LEU B 45 7.33 -10.97 -2.46
C LEU B 45 5.94 -10.50 -2.84
N ALA B 46 5.79 -10.00 -4.07
CA ALA B 46 4.53 -9.44 -4.54
C ALA B 46 3.97 -10.19 -5.77
N SER B 47 2.72 -9.92 -6.11
CA SER B 47 2.09 -10.54 -7.27
C SER B 47 0.94 -9.66 -7.69
N ALA B 48 0.36 -9.92 -8.85
CA ALA B 48 -1.01 -9.46 -9.12
C ALA B 48 -2.02 -10.19 -8.20
N SER B 49 -3.15 -9.56 -7.94
CA SER B 49 -4.24 -10.19 -7.16
C SER B 49 -4.84 -11.36 -7.93
N PRO B 50 -5.12 -12.47 -7.23
CA PRO B 50 -5.73 -13.63 -7.88
C PRO B 50 -7.21 -13.37 -8.26
N HIS B 51 -7.78 -12.26 -7.78
CA HIS B 51 -9.14 -11.84 -8.20
C HIS B 51 -9.13 -10.99 -9.44
N VAL B 52 -7.95 -10.85 -10.02
CA VAL B 52 -7.72 -9.94 -11.14
C VAL B 52 -7.00 -10.72 -12.24
N VAL B 53 -6.13 -11.63 -11.82
CA VAL B 53 -5.33 -12.44 -12.73
C VAL B 53 -5.39 -13.85 -12.17
N PRO B 54 -5.78 -14.84 -13.01
CA PRO B 54 -6.15 -16.20 -12.56
C PRO B 54 -5.30 -16.98 -11.55
N VAL B 55 -4.02 -17.24 -11.79
CA VAL B 55 -3.30 -18.33 -11.04
C VAL B 55 -3.14 -19.46 -12.03
N PRO B 56 -1.94 -20.04 -12.13
CA PRO B 56 -0.67 -19.73 -11.48
C PRO B 56 0.07 -18.48 -12.02
N LEU B 57 -0.62 -17.63 -12.76
CA LEU B 57 -0.04 -16.35 -13.15
C LEU B 57 0.12 -15.42 -11.94
N SER B 58 -0.92 -15.33 -11.10
CA SER B 58 -0.83 -14.68 -9.78
C SER B 58 -0.37 -15.69 -8.75
N VAL B 59 0.29 -15.22 -7.69
CA VAL B 59 0.77 -16.09 -6.62
C VAL B 59 0.07 -15.71 -5.32
N GLU B 60 -0.86 -16.56 -4.90
CA GLU B 60 -1.71 -16.39 -3.70
C GLU B 60 -0.98 -15.93 -2.42
N ALA B 61 0.19 -16.49 -2.13
CA ALA B 61 0.95 -16.16 -0.93
C ALA B 61 1.72 -14.83 -0.98
N ASN B 62 1.65 -14.14 -2.11
CA ASN B 62 2.42 -12.90 -2.26
C ASN B 62 1.44 -11.75 -2.05
N VAL B 63 1.94 -10.59 -1.67
CA VAL B 63 1.06 -9.43 -1.47
C VAL B 63 0.75 -8.80 -2.80
N ASP B 64 -0.46 -8.30 -3.00
CA ASP B 64 -0.81 -7.59 -4.22
C ASP B 64 -1.07 -6.10 -3.94
N PRO B 65 -1.01 -5.23 -5.00
CA PRO B 65 -1.23 -3.78 -4.82
C PRO B 65 -2.53 -3.45 -4.07
N GLU B 66 -3.63 -4.13 -4.38
CA GLU B 66 -4.92 -3.80 -3.76
C GLU B 66 -4.92 -4.09 -2.26
N GLU B 67 -4.45 -5.28 -1.90
CA GLU B 67 -4.27 -5.68 -0.49
C GLU B 67 -3.40 -4.70 0.27
N ALA B 68 -2.24 -4.33 -0.32
CA ALA B 68 -1.30 -3.39 0.27
C ALA B 68 -1.93 -2.02 0.53
N PHE B 69 -2.73 -1.56 -0.42
CA PHE B 69 -3.38 -0.25 -0.35
C PHE B 69 -4.41 -0.27 0.83
N VAL B 70 -5.19 -1.35 0.97
CA VAL B 70 -6.12 -1.52 2.09
C VAL B 70 -5.36 -1.53 3.46
N ALA B 71 -4.32 -2.36 3.56
CA ALA B 71 -3.44 -2.41 4.76
C ALA B 71 -2.80 -1.06 5.12
N ALA B 72 -2.29 -0.34 4.11
CA ALA B 72 -1.72 0.99 4.33
C ALA B 72 -2.72 1.92 5.01
N LEU B 73 -3.94 1.99 4.48
CA LEU B 73 -5.04 2.77 5.07
C LEU B 73 -5.37 2.36 6.49
N SER B 74 -5.60 1.07 6.69
CA SER B 74 -5.96 0.51 7.98
C SER B 74 -4.87 0.74 9.06
N SER B 75 -3.62 0.43 8.68
CA SER B 75 -2.38 0.63 9.48
C SER B 75 -2.18 2.11 9.90
N CYS B 76 -2.26 2.99 8.92
CA CYS B 76 -2.14 4.44 9.19
C CYS B 76 -3.16 4.97 10.18
N HIS B 77 -4.43 4.59 9.99
CA HIS B 77 -5.53 4.99 10.89
C HIS B 77 -5.22 4.44 12.26
N MSE B 78 -4.79 3.18 12.34
CA MSE B 78 -4.53 2.56 13.65
C MSE B 78 -3.42 3.29 14.42
O MSE B 78 -3.55 3.54 15.63
CB MSE B 78 -4.12 1.09 13.46
CG MSE B 78 -3.76 0.43 14.80
SE MSE B 78 -3.06 -1.23 14.57
CE MSE B 78 -1.44 -0.76 14.02
N LEU B 79 -2.31 3.53 13.73
CA LEU B 79 -1.15 4.21 14.35
C LEU B 79 -1.50 5.59 14.87
N VAL B 80 -2.32 6.34 14.14
CA VAL B 80 -2.77 7.63 14.71
C VAL B 80 -3.67 7.41 15.93
N PHE B 81 -4.59 6.46 15.83
CA PHE B 81 -5.50 6.10 16.95
C PHE B 81 -4.72 5.75 18.23
N LEU B 82 -3.69 4.92 18.08
CA LEU B 82 -2.95 4.50 19.25
C LEU B 82 -2.26 5.68 19.96
N SER B 83 -1.65 6.59 19.19
CA SER B 83 -0.94 7.72 19.81
C SER B 83 -1.95 8.63 20.54
N ILE B 84 -3.15 8.84 19.96
CA ILE B 84 -4.28 9.54 20.61
C ILE B 84 -4.70 8.87 21.92
N ALA B 85 -4.91 7.55 21.89
CA ALA B 85 -5.29 6.80 23.09
C ALA B 85 -4.24 6.95 24.17
N ALA B 86 -2.97 6.87 23.79
CA ALA B 86 -1.88 6.96 24.75
C ALA B 86 -1.78 8.37 25.35
N LYS B 87 -1.97 9.39 24.53
CA LYS B 87 -2.04 10.78 24.97
C LYS B 87 -3.21 11.00 25.95
N GLN B 88 -4.36 10.41 25.67
CA GLN B 88 -5.51 10.52 26.57
C GLN B 88 -5.43 9.60 27.81
N ARG B 89 -4.32 8.89 27.93
CA ARG B 89 -4.00 8.00 29.04
C ARG B 89 -4.88 6.77 29.14
N TYR B 90 -5.33 6.22 28.01
CA TYR B 90 -6.00 4.94 28.04
C TYR B 90 -4.98 3.89 27.76
N LEU B 91 -5.17 2.71 28.29
CA LEU B 91 -4.20 1.65 28.10
C LEU B 91 -4.80 0.71 27.07
N VAL B 92 -4.17 0.59 25.90
CA VAL B 92 -4.69 -0.29 24.86
C VAL B 92 -3.94 -1.61 24.95
N GLU B 93 -4.67 -2.70 25.10
CA GLU B 93 -4.11 -4.04 25.13
C GLU B 93 -3.92 -4.54 23.73
N SER B 94 -4.94 -4.35 22.89
CA SER B 94 -4.87 -4.80 21.48
C SER B 94 -5.75 -3.98 20.53
N TYR B 95 -5.44 -4.02 19.25
CA TYR B 95 -6.25 -3.35 18.23
C TYR B 95 -6.22 -4.24 17.01
N THR B 96 -7.39 -4.66 16.51
CA THR B 96 -7.47 -5.55 15.36
C THR B 96 -8.48 -4.94 14.42
N ASP B 97 -8.09 -4.73 13.16
CA ASP B 97 -8.96 -4.16 12.15
C ASP B 97 -9.09 -5.20 11.05
N ASN B 98 -10.30 -5.67 10.79
CA ASN B 98 -10.52 -6.49 9.61
C ASN B 98 -11.00 -5.58 8.49
N ALA B 99 -10.10 -5.15 7.61
CA ALA B 99 -10.40 -4.16 6.59
C ALA B 99 -10.73 -4.84 5.27
N VAL B 100 -11.57 -4.19 4.47
CA VAL B 100 -11.85 -4.68 3.13
C VAL B 100 -11.93 -3.52 2.16
N GLY B 101 -11.30 -3.68 0.98
CA GLY B 101 -11.46 -2.69 -0.04
C GLY B 101 -12.16 -3.32 -1.22
N ILE B 102 -12.87 -2.49 -1.98
CA ILE B 102 -13.64 -2.94 -3.12
C ILE B 102 -13.14 -2.24 -4.38
N LEU B 103 -12.75 -3.05 -5.37
CA LEU B 103 -12.46 -2.56 -6.72
C LEU B 103 -13.75 -2.51 -7.55
N GLY B 104 -14.08 -1.34 -8.07
CA GLY B 104 -15.21 -1.17 -8.96
C GLY B 104 -14.92 0.00 -9.90
N LYS B 105 -15.94 0.48 -10.58
CA LYS B 105 -15.74 1.54 -11.56
C LYS B 105 -16.17 2.84 -10.94
N ASN B 106 -15.31 3.85 -11.12
CA ASN B 106 -15.72 5.14 -11.75
C ASN B 106 -14.69 6.32 -11.77
N SER B 107 -15.12 7.55 -12.06
CA SER B 107 -16.36 8.14 -11.58
C SER B 107 -17.28 8.98 -12.51
N LYS B 108 -17.43 8.64 -13.78
CA LYS B 108 -16.34 8.27 -14.67
C LYS B 108 -16.58 6.86 -15.20
N GLY B 109 -15.54 6.05 -15.26
CA GLY B 109 -15.67 4.73 -15.83
C GLY B 109 -14.37 3.98 -15.69
N LYS B 110 -13.54 4.45 -14.77
CA LYS B 110 -12.25 3.85 -14.55
C LYS B 110 -12.28 2.98 -13.32
N THR B 111 -11.71 1.79 -13.44
CA THR B 111 -11.60 0.90 -12.30
C THR B 111 -10.61 1.49 -11.28
N SER B 112 -11.08 1.54 -10.04
CA SER B 112 -10.31 2.06 -8.93
C SER B 112 -10.86 1.42 -7.66
N VAL B 113 -10.26 1.74 -6.53
CA VAL B 113 -10.76 1.27 -5.26
C VAL B 113 -11.80 2.27 -4.85
N THR B 114 -13.07 1.90 -4.99
CA THR B 114 -14.15 2.86 -4.73
C THR B 114 -14.49 3.07 -3.22
N LYS B 115 -14.36 1.99 -2.44
CA LYS B 115 -14.69 2.04 -1.02
C LYS B 115 -13.72 1.16 -0.23
N VAL B 116 -13.29 1.65 0.92
CA VAL B 116 -12.58 0.82 1.89
C VAL B 116 -13.35 0.95 3.19
N VAL B 117 -13.65 -0.18 3.83
CA VAL B 117 -14.33 -0.18 5.11
C VAL B 117 -13.37 -0.73 6.16
N LEU B 118 -13.17 0.03 7.22
CA LEU B 118 -12.29 -0.35 8.31
C LEU B 118 -13.21 -0.79 9.45
N ARG B 119 -12.88 -1.89 10.09
CA ARG B 119 -13.69 -2.42 11.19
C ARG B 119 -12.80 -2.69 12.40
N PRO B 120 -12.34 -1.63 13.05
CA PRO B 120 -11.43 -1.83 14.18
C PRO B 120 -12.16 -2.29 15.46
N GLN B 121 -11.50 -3.22 16.17
CA GLN B 121 -11.89 -3.70 17.51
C GLN B 121 -10.73 -3.45 18.42
N VAL B 122 -10.96 -2.63 19.46
CA VAL B 122 -9.92 -2.24 20.43
C VAL B 122 -10.23 -2.82 21.83
N VAL B 123 -9.21 -3.42 22.46
CA VAL B 123 -9.31 -3.88 23.86
C VAL B 123 -8.56 -2.92 24.75
N PHE B 124 -9.29 -2.36 25.70
CA PHE B 124 -8.71 -1.45 26.67
C PHE B 124 -8.64 -2.21 27.96
N SER B 125 -7.60 -1.94 28.75
CA SER B 125 -7.58 -2.44 30.14
C SER B 125 -7.32 -1.34 31.13
N GLY B 126 -7.28 -1.74 32.39
CA GLY B 126 -6.88 -0.84 33.46
C GLY B 126 -8.04 -0.02 33.95
N THR B 127 -7.71 1.01 34.71
CA THR B 127 -8.71 1.72 35.46
C THR B 127 -9.50 2.76 34.63
N SER B 128 -8.79 3.46 33.75
CA SER B 128 -9.37 4.48 32.92
C SER B 128 -9.71 3.88 31.54
N LYS B 129 -11.00 3.76 31.28
CA LYS B 129 -11.49 3.23 30.03
C LYS B 129 -12.44 4.26 29.39
N PRO B 130 -12.36 4.43 28.06
CA PRO B 130 -13.26 5.37 27.41
C PRO B 130 -14.69 4.89 27.33
N THR B 131 -15.63 5.84 27.28
CA THR B 131 -17.00 5.53 26.92
C THR B 131 -17.03 5.30 25.42
N LEU B 132 -18.14 4.77 24.91
CA LEU B 132 -18.32 4.67 23.46
C LEU B 132 -18.09 6.03 22.78
N GLN B 133 -18.67 7.08 23.37
CA GLN B 133 -18.60 8.42 22.77
C GLN B 133 -17.15 8.86 22.63
N GLN B 134 -16.36 8.63 23.68
CA GLN B 134 -14.95 8.92 23.64
C GLN B 134 -14.19 8.08 22.60
N LEU B 135 -14.50 6.79 22.52
CA LEU B 135 -13.93 5.91 21.50
C LEU B 135 -14.25 6.41 20.09
N GLU B 136 -15.51 6.75 19.85
CA GLU B 136 -15.93 7.19 18.51
C GLU B 136 -15.17 8.47 18.14
N LYS B 137 -15.07 9.40 19.10
CA LYS B 137 -14.33 10.65 18.86
C LYS B 137 -12.82 10.43 18.54
N MSE B 138 -12.17 9.48 19.23
CA MSE B 138 -10.78 9.11 18.96
C MSE B 138 -10.63 8.61 17.53
O MSE B 138 -9.62 8.90 16.88
CB MSE B 138 -10.30 8.05 19.96
CG MSE B 138 -10.02 8.62 21.39
SE MSE B 138 -9.13 7.44 22.46
CE MSE B 138 -8.10 8.49 23.40
N HIS B 139 -11.60 7.82 17.07
CA HIS B 139 -11.58 7.34 15.68
C HIS B 139 -11.82 8.48 14.66
N HIS B 140 -12.72 9.42 14.94
CA HIS B 140 -12.88 10.54 14.01
C HIS B 140 -11.59 11.36 13.91
N LEU B 141 -10.95 11.60 15.04
CA LEU B 141 -9.71 12.33 15.05
C LEU B 141 -8.59 11.59 14.33
N ALA B 142 -8.50 10.27 14.54
CA ALA B 142 -7.47 9.47 13.88
C ALA B 142 -7.67 9.52 12.35
N HIS B 143 -8.91 9.38 11.90
CA HIS B 143 -9.22 9.39 10.46
C HIS B 143 -8.84 10.73 9.81
N GLU B 144 -9.14 11.81 10.52
CA GLU B 144 -8.80 13.17 10.14
C GLU B 144 -7.28 13.38 9.98
N ASN B 145 -6.49 12.67 10.78
CA ASN B 145 -5.06 12.91 10.85
C ASN B 145 -4.21 11.83 10.22
N CYS B 146 -4.88 10.87 9.58
CA CYS B 146 -4.25 9.79 8.85
C CYS B 146 -3.75 10.23 7.47
N PHE B 147 -2.44 10.21 7.28
CA PHE B 147 -1.80 10.67 6.03
C PHE B 147 -2.29 9.93 4.78
N ILE B 148 -2.44 8.60 4.86
CA ILE B 148 -2.89 7.83 3.73
C ILE B 148 -4.32 8.19 3.41
N ALA B 149 -5.16 8.33 4.42
CA ALA B 149 -6.56 8.64 4.13
C ALA B 149 -6.71 10.01 3.48
N ASN B 150 -5.84 10.93 3.87
CA ASN B 150 -5.80 12.28 3.29
C ASN B 150 -5.24 12.26 1.87
N SER B 151 -4.74 11.09 1.42
CA SER B 151 -4.15 10.95 0.05
C SER B 151 -5.07 10.34 -1.02
N VAL B 152 -6.20 9.79 -0.62
CA VAL B 152 -6.98 8.94 -1.51
C VAL B 152 -8.34 9.56 -1.90
N GLU B 153 -8.80 9.20 -3.08
CA GLU B 153 -10.14 9.60 -3.49
C GLU B 153 -11.19 8.57 -3.02
N THR B 154 -10.74 7.34 -2.78
CA THR B 154 -11.57 6.30 -2.14
C THR B 154 -12.48 6.83 -1.00
N GLU B 155 -13.72 6.37 -0.98
CA GLU B 155 -14.58 6.55 0.20
C GLU B 155 -14.10 5.58 1.26
N VAL B 156 -13.66 6.12 2.39
CA VAL B 156 -13.15 5.30 3.47
C VAL B 156 -14.13 5.41 4.65
N VAL B 157 -14.72 4.31 5.07
CA VAL B 157 -15.67 4.37 6.16
C VAL B 157 -15.13 3.57 7.35
N THR B 158 -15.46 4.01 8.55
CA THR B 158 -15.04 3.31 9.73
C THR B 158 -16.29 2.86 10.43
N GLU B 159 -16.43 1.55 10.56
CA GLU B 159 -17.46 0.97 11.39
C GLU B 159 -16.79 0.49 12.63
N ILE B 160 -17.03 1.19 13.74
CA ILE B 160 -16.36 0.86 14.99
C ILE B 160 -16.98 -0.37 15.64
N ILE B 161 -16.12 -1.34 15.92
CA ILE B 161 -16.32 -2.63 16.56
C ILE B 161 -16.81 -3.76 15.64
#